data_6ZYI
#
_entry.id   6ZYI
#
_cell.length_a   46.168
_cell.length_b   63.711
_cell.length_c   144.499
_cell.angle_alpha   90.000
_cell.angle_beta   90.000
_cell.angle_gamma   90.000
#
_symmetry.space_group_name_H-M   'P 21 21 21'
#
loop_
_entity.id
_entity.type
_entity.pdbx_description
1 polymer 'Heat shock 70kDa protein 1A variant'
2 non-polymer "ADENOSINE-5'-DIPHOSPHATE"
3 non-polymer 'CALCIUM ION'
4 water water
#
_entity_poly.entity_id   1
_entity_poly.type   'polypeptide(L)'
_entity_poly.pdbx_seq_one_letter_code
;AAAIGIDLGTTYSCVGVFQHGKVEIIANDQGNRTTPSYVAFTDTERLIGDAAKNQVALNPQNTVFDAKRLIGRKFGDPVV
QSDMKHWPFQVINDGDKPKVQVSYKGDTKAFYPEEISSMVLTKMKEIAEAYLGYPVTNAVITVPAYFNDSQRQATKDAGV
IAGLNVLRIINEPTAAAIAYGLDRTGKGERNVLIFDLGGGTFDVSILTIDDGIFEVKATAGDTHLGGEDFDNRLVNHFVE
EFKRKHKKDISQNKRAVRRLRTACERAKRTLSSSTQASLEIDSLFEGIDFYTSITRARFEELCSDLFRSTLEPVEKALRD
AKLDKAQIHDLVLVGGSTRIPKVQKLLQDFFNGRDLNKSINPDEAVAYGAAVQAAILM
;
_entity_poly.pdbx_strand_id   A
#
loop_
_chem_comp.id
_chem_comp.type
_chem_comp.name
_chem_comp.formula
ADP non-polymer ADENOSINE-5'-DIPHOSPHATE 'C10 H15 N5 O10 P2'
CA non-polymer 'CALCIUM ION' 'Ca 2'
#
# COMPACT_ATOMS: atom_id res chain seq x y z
N ALA A 1 -13.28 4.11 26.00
CA ALA A 1 -12.24 4.45 24.96
C ALA A 1 -12.40 3.52 23.75
N ALA A 2 -12.52 4.09 22.55
CA ALA A 2 -12.68 3.36 21.27
C ALA A 2 -11.36 2.68 20.89
N ALA A 3 -11.44 1.45 20.38
CA ALA A 3 -10.32 0.73 19.71
C ALA A 3 -10.29 1.14 18.24
N ILE A 4 -9.11 1.09 17.62
CA ILE A 4 -8.90 1.54 16.21
C ILE A 4 -8.55 0.33 15.34
N GLY A 5 -8.87 0.41 14.05
CA GLY A 5 -8.40 -0.52 13.01
C GLY A 5 -7.31 0.13 12.18
N ILE A 6 -6.15 -0.52 12.05
CA ILE A 6 -5.00 0.01 11.25
C ILE A 6 -4.69 -0.96 10.12
N ASP A 7 -4.77 -0.46 8.88
CA ASP A 7 -4.18 -1.08 7.67
C ASP A 7 -2.72 -0.62 7.62
N LEU A 8 -1.78 -1.50 8.02
CA LEU A 8 -0.32 -1.25 7.92
C LEU A 8 0.15 -1.74 6.54
N GLY A 9 -0.02 -0.88 5.53
CA GLY A 9 0.23 -1.23 4.11
C GLY A 9 1.69 -1.12 3.73
N THR A 10 2.06 -1.73 2.60
CA THR A 10 3.44 -1.76 2.07
C THR A 10 3.95 -0.33 1.84
N THR A 11 3.13 0.55 1.26
CA THR A 11 3.53 1.93 0.86
C THR A 11 2.69 2.99 1.57
N TYR A 12 1.42 2.71 1.91
CA TYR A 12 0.53 3.61 2.69
C TYR A 12 -0.10 2.85 3.85
N SER A 13 -0.46 3.58 4.91
CA SER A 13 -1.24 3.07 6.05
C SER A 13 -2.49 3.92 6.22
N CYS A 14 -3.53 3.35 6.85
CA CYS A 14 -4.88 3.94 7.00
C CYS A 14 -5.43 3.53 8.36
N VAL A 15 -6.05 4.46 9.09
CA VAL A 15 -6.62 4.18 10.44
C VAL A 15 -8.11 4.59 10.44
N GLY A 16 -8.94 3.71 11.02
CA GLY A 16 -10.39 3.94 11.18
C GLY A 16 -10.81 3.67 12.62
N VAL A 17 -11.96 4.22 13.02
CA VAL A 17 -12.61 3.95 14.33
C VAL A 17 -14.10 3.75 14.09
N PHE A 18 -14.68 2.70 14.66
CA PHE A 18 -16.13 2.39 14.60
C PHE A 18 -16.81 2.97 15.85
N GLN A 19 -17.73 3.92 15.63
CA GLN A 19 -18.55 4.57 16.70
C GLN A 19 -19.96 4.80 16.16
N HIS A 20 -20.98 4.49 16.96
CA HIS A 20 -22.42 4.76 16.69
C HIS A 20 -22.82 4.13 15.35
N GLY A 21 -22.42 2.88 15.13
CA GLY A 21 -22.90 2.04 14.01
C GLY A 21 -22.21 2.34 12.68
N LYS A 22 -21.13 3.12 12.67
CA LYS A 22 -20.43 3.49 11.41
C LYS A 22 -18.96 3.83 11.65
N VAL A 23 -18.16 3.68 10.59
CA VAL A 23 -16.68 3.84 10.59
C VAL A 23 -16.32 5.27 10.19
N GLU A 24 -15.46 5.93 10.98
CA GLU A 24 -14.75 7.17 10.58
C GLU A 24 -13.34 6.78 10.15
N ILE A 25 -13.03 6.91 8.85
CA ILE A 25 -11.62 6.88 8.33
C ILE A 25 -11.01 8.25 8.63
N ILE A 26 -9.94 8.28 9.43
CA ILE A 26 -9.41 9.51 10.09
C ILE A 26 -8.34 10.14 9.21
N ALA A 27 -8.53 11.41 8.83
CA ALA A 27 -7.57 12.23 8.05
C ALA A 27 -6.41 12.65 8.97
N ASN A 28 -5.20 12.69 8.42
CA ASN A 28 -3.97 13.09 9.17
C ASN A 28 -3.90 14.63 9.21
N ASP A 29 -2.78 15.17 9.70
CA ASP A 29 -2.58 16.64 9.91
C ASP A 29 -2.66 17.39 8.58
N GLN A 30 -2.37 16.72 7.47
CA GLN A 30 -2.33 17.30 6.10
C GLN A 30 -3.68 17.09 5.40
N GLY A 31 -4.64 16.45 6.07
CA GLY A 31 -6.00 16.19 5.57
C GLY A 31 -6.08 14.94 4.71
N ASN A 32 -5.03 14.10 4.73
CA ASN A 32 -4.92 12.88 3.90
C ASN A 32 -5.46 11.68 4.71
N ARG A 33 -6.37 10.91 4.10
CA ARG A 33 -7.06 9.77 4.75
C ARG A 33 -6.20 8.50 4.68
N THR A 34 -5.06 8.56 3.98
CA THR A 34 -3.96 7.56 4.05
C THR A 34 -2.64 8.29 4.30
N THR A 35 -1.67 7.60 4.90
CA THR A 35 -0.35 8.14 5.32
C THR A 35 0.75 7.23 4.80
N PRO A 36 1.76 7.75 4.07
CA PRO A 36 2.88 6.93 3.62
C PRO A 36 3.52 6.11 4.75
N SER A 37 3.79 4.83 4.48
CA SER A 37 4.52 3.91 5.38
C SER A 37 6.02 4.20 5.28
N TYR A 38 6.39 5.45 5.56
CA TYR A 38 7.74 6.03 5.35
C TYR A 38 8.25 6.60 6.67
N VAL A 39 9.53 6.37 6.97
CA VAL A 39 10.26 6.99 8.11
C VAL A 39 11.58 7.54 7.58
N ALA A 40 11.85 8.82 7.82
CA ALA A 40 13.09 9.51 7.38
C ALA A 40 13.87 9.97 8.62
N PHE A 41 15.19 9.84 8.56
CA PHE A 41 16.15 10.28 9.60
C PHE A 41 17.03 11.38 8.99
N THR A 42 17.10 12.54 9.64
CA THR A 42 17.90 13.71 9.20
C THR A 42 18.92 14.06 10.28
N ASP A 43 19.67 15.13 10.08
CA ASP A 43 20.68 15.63 11.05
C ASP A 43 20.00 16.19 12.30
N THR A 44 18.68 16.42 12.28
CA THR A 44 17.95 17.11 13.37
C THR A 44 16.65 16.38 13.78
N GLU A 45 16.00 15.63 12.89
CA GLU A 45 14.62 15.11 13.15
C GLU A 45 14.41 13.70 12.62
N ARG A 46 13.42 13.02 13.23
CA ARG A 46 12.80 11.79 12.68
CA ARG A 46 12.79 11.78 12.71
C ARG A 46 11.44 12.17 12.11
N LEU A 47 11.26 11.96 10.80
CA LEU A 47 10.00 12.29 10.06
C LEU A 47 9.25 10.99 9.78
N ILE A 48 7.93 11.00 9.91
CA ILE A 48 7.04 9.83 9.64
C ILE A 48 5.87 10.29 8.76
N GLY A 49 5.50 9.47 7.77
CA GLY A 49 4.32 9.69 6.91
C GLY A 49 4.60 10.70 5.81
N ASP A 50 3.71 11.69 5.65
CA ASP A 50 3.77 12.71 4.57
C ASP A 50 5.11 13.43 4.61
N ALA A 51 5.54 13.88 5.80
CA ALA A 51 6.80 14.65 5.99
C ALA A 51 8.00 13.80 5.55
N ALA A 52 7.97 12.50 5.77
CA ALA A 52 9.05 11.55 5.39
C ALA A 52 9.08 11.40 3.86
N LYS A 53 7.94 11.10 3.23
CA LYS A 53 7.86 10.85 1.76
C LYS A 53 8.16 12.14 0.99
N ASN A 54 7.81 13.31 1.55
CA ASN A 54 7.93 14.63 0.88
C ASN A 54 9.40 15.01 0.66
N GLN A 55 10.33 14.46 1.44
CA GLN A 55 11.79 14.79 1.36
C GLN A 55 12.60 13.58 0.89
N VAL A 56 11.96 12.60 0.25
CA VAL A 56 12.61 11.33 -0.21
C VAL A 56 13.67 11.64 -1.28
N ALA A 57 13.41 12.61 -2.16
CA ALA A 57 14.33 13.02 -3.25
C ALA A 57 15.60 13.65 -2.68
N LEU A 58 15.48 14.36 -1.55
CA LEU A 58 16.60 15.06 -0.86
C LEU A 58 17.47 14.04 -0.12
N ASN A 59 16.86 13.02 0.47
CA ASN A 59 17.47 12.18 1.54
C ASN A 59 17.19 10.70 1.28
N PRO A 60 17.55 10.15 0.09
CA PRO A 60 17.20 8.77 -0.27
C PRO A 60 17.82 7.69 0.63
N GLN A 61 19.05 7.88 1.10
CA GLN A 61 19.81 6.85 1.87
C GLN A 61 19.22 6.69 3.28
N ASN A 62 18.57 7.72 3.82
CA ASN A 62 18.07 7.75 5.22
C ASN A 62 16.53 7.83 5.26
N THR A 63 15.86 7.63 4.12
CA THR A 63 14.39 7.58 4.01
C THR A 63 13.96 6.12 3.82
N VAL A 64 13.42 5.51 4.89
CA VAL A 64 13.11 4.06 4.95
C VAL A 64 11.65 3.84 4.53
N PHE A 65 11.44 2.82 3.69
CA PHE A 65 10.11 2.34 3.21
C PHE A 65 10.23 0.83 3.00
N ASP A 66 9.11 0.17 2.66
CA ASP A 66 9.07 -1.29 2.34
C ASP A 66 9.50 -2.12 3.56
N ALA A 67 9.36 -1.60 4.78
CA ALA A 67 9.68 -2.34 6.03
C ALA A 67 8.84 -3.63 6.08
N LYS A 68 7.65 -3.61 5.48
CA LYS A 68 6.71 -4.76 5.41
C LYS A 68 7.32 -5.92 4.62
N ARG A 69 8.25 -5.64 3.72
CA ARG A 69 8.96 -6.68 2.90
C ARG A 69 9.98 -7.40 3.77
N LEU A 70 10.47 -6.77 4.85
CA LEU A 70 11.51 -7.31 5.76
C LEU A 70 10.88 -7.94 7.01
N ILE A 71 9.72 -7.44 7.46
CA ILE A 71 9.18 -7.70 8.82
C ILE A 71 8.98 -9.21 9.00
N GLY A 72 9.54 -9.77 10.08
CA GLY A 72 9.40 -11.18 10.47
C GLY A 72 10.24 -12.13 9.61
N ARG A 73 11.16 -11.61 8.80
CA ARG A 73 12.04 -12.43 7.92
C ARG A 73 13.45 -12.48 8.51
N LYS A 74 14.18 -13.56 8.22
CA LYS A 74 15.62 -13.70 8.53
C LYS A 74 16.43 -13.01 7.42
N PHE A 75 17.61 -12.51 7.75
CA PHE A 75 18.52 -11.79 6.82
C PHE A 75 18.82 -12.68 5.60
N GLY A 76 19.02 -13.98 5.84
CA GLY A 76 19.40 -14.98 4.82
C GLY A 76 18.24 -15.41 3.94
N ASP A 77 17.00 -14.98 4.27
CA ASP A 77 15.78 -15.24 3.45
C ASP A 77 16.04 -14.76 2.03
N PRO A 78 15.85 -15.62 1.00
CA PRO A 78 16.05 -15.22 -0.40
C PRO A 78 15.30 -13.95 -0.81
N VAL A 79 14.10 -13.72 -0.26
CA VAL A 79 13.26 -12.52 -0.55
C VAL A 79 14.02 -11.28 -0.09
N VAL A 80 14.61 -11.31 1.10
CA VAL A 80 15.38 -10.18 1.71
C VAL A 80 16.59 -9.88 0.82
N GLN A 81 17.38 -10.92 0.48
CA GLN A 81 18.61 -10.79 -0.34
C GLN A 81 18.25 -10.23 -1.72
N SER A 82 17.12 -10.64 -2.28
CA SER A 82 16.62 -10.19 -3.61
C SER A 82 16.11 -8.74 -3.54
N ASP A 83 15.38 -8.39 -2.48
CA ASP A 83 14.71 -7.06 -2.33
C ASP A 83 15.73 -5.95 -2.07
N MET A 84 16.86 -6.28 -1.42
CA MET A 84 17.88 -5.29 -0.96
C MET A 84 18.41 -4.46 -2.15
N LYS A 85 18.35 -5.00 -3.37
CA LYS A 85 18.84 -4.31 -4.61
C LYS A 85 17.89 -3.17 -4.99
N HIS A 86 16.63 -3.21 -4.55
CA HIS A 86 15.58 -2.20 -4.89
C HIS A 86 15.71 -0.95 -4.01
N TRP A 87 16.46 -1.01 -2.91
CA TRP A 87 16.46 0.02 -1.84
C TRP A 87 17.73 0.85 -1.86
N PRO A 88 17.61 2.20 -1.74
CA PRO A 88 18.77 3.08 -1.60
C PRO A 88 19.35 3.08 -0.17
N PHE A 89 18.59 2.57 0.81
CA PHE A 89 19.01 2.47 2.23
C PHE A 89 19.74 1.14 2.45
N GLN A 90 20.63 1.10 3.44
CA GLN A 90 21.49 -0.06 3.79
C GLN A 90 20.69 -1.02 4.68
N VAL A 91 20.74 -2.31 4.38
CA VAL A 91 20.23 -3.42 5.25
C VAL A 91 21.45 -4.23 5.71
N ILE A 92 21.59 -4.42 7.03
CA ILE A 92 22.73 -5.15 7.66
C ILE A 92 22.20 -6.41 8.36
N ASN A 93 23.11 -7.32 8.70
CA ASN A 93 22.82 -8.61 9.40
C ASN A 93 23.18 -8.47 10.88
N ASP A 94 22.19 -8.61 11.77
CA ASP A 94 22.39 -8.65 13.25
C ASP A 94 21.83 -10.00 13.75
N GLY A 95 22.69 -11.02 13.81
CA GLY A 95 22.34 -12.38 14.27
C GLY A 95 21.24 -13.00 13.43
N ASP A 96 21.38 -12.96 12.10
CA ASP A 96 20.45 -13.57 11.12
C ASP A 96 19.15 -12.78 11.03
N LYS A 97 19.10 -11.57 11.64
CA LYS A 97 17.92 -10.66 11.59
C LYS A 97 18.32 -9.42 10.80
N PRO A 98 17.49 -8.98 9.81
CA PRO A 98 17.78 -7.77 9.06
C PRO A 98 17.53 -6.51 9.90
N LYS A 99 18.40 -5.51 9.79
CA LYS A 99 18.21 -4.15 10.37
C LYS A 99 18.48 -3.12 9.26
N VAL A 100 17.67 -2.06 9.20
CA VAL A 100 17.90 -0.91 8.29
C VAL A 100 18.86 0.05 8.99
N GLN A 101 20.02 0.31 8.37
CA GLN A 101 21.08 1.19 8.91
C GLN A 101 20.96 2.56 8.24
N VAL A 102 20.94 3.63 9.05
CA VAL A 102 20.75 5.04 8.58
C VAL A 102 21.69 5.95 9.38
N SER A 103 21.83 7.20 8.93
CA SER A 103 22.42 8.32 9.70
C SER A 103 21.27 9.09 10.39
N TYR A 104 21.38 9.32 11.68
CA TYR A 104 20.43 10.13 12.49
C TYR A 104 21.20 11.01 13.48
N LYS A 105 21.01 12.33 13.39
CA LYS A 105 21.68 13.36 14.23
C LYS A 105 23.20 13.12 14.21
N GLY A 106 23.75 12.76 13.04
CA GLY A 106 25.20 12.64 12.78
C GLY A 106 25.78 11.29 13.20
N ASP A 107 24.94 10.36 13.67
CA ASP A 107 25.39 9.03 14.19
C ASP A 107 24.75 7.92 13.36
N THR A 108 25.51 6.84 13.11
CA THR A 108 25.03 5.60 12.44
C THR A 108 24.18 4.81 13.43
N LYS A 109 22.89 4.64 13.11
CA LYS A 109 21.90 3.86 13.91
C LYS A 109 21.31 2.77 13.01
N ALA A 110 20.88 1.65 13.60
CA ALA A 110 20.20 0.53 12.90
C ALA A 110 18.90 0.17 13.64
N PHE A 111 17.86 -0.16 12.88
CA PHE A 111 16.49 -0.45 13.39
C PHE A 111 15.97 -1.76 12.79
N TYR A 112 15.37 -2.61 13.61
CA TYR A 112 14.64 -3.82 13.16
C TYR A 112 13.42 -3.36 12.34
N PRO A 113 12.94 -4.17 11.38
CA PRO A 113 11.77 -3.81 10.59
C PRO A 113 10.56 -3.44 11.46
N GLU A 114 10.31 -4.18 12.54
CA GLU A 114 9.18 -3.96 13.47
C GLU A 114 9.35 -2.62 14.20
N GLU A 115 10.58 -2.14 14.37
CA GLU A 115 10.87 -0.81 14.97
C GLU A 115 10.45 0.28 13.98
N ILE A 116 10.80 0.14 12.69
CA ILE A 116 10.40 1.10 11.62
C ILE A 116 8.86 1.10 11.55
N SER A 117 8.24 -0.09 11.51
CA SER A 117 6.76 -0.25 11.42
C SER A 117 6.10 0.30 12.68
N SER A 118 6.74 0.20 13.85
CA SER A 118 6.24 0.75 15.14
C SER A 118 6.10 2.27 15.03
N MET A 119 7.02 2.92 14.30
CA MET A 119 7.03 4.40 14.10
C MET A 119 5.86 4.80 13.21
N VAL A 120 5.58 4.03 12.15
CA VAL A 120 4.40 4.24 11.26
C VAL A 120 3.13 4.05 12.08
N LEU A 121 3.06 2.99 12.90
CA LEU A 121 1.88 2.68 13.74
C LEU A 121 1.68 3.78 14.80
N THR A 122 2.76 4.33 15.36
CA THR A 122 2.72 5.46 16.33
C THR A 122 2.05 6.67 15.66
N LYS A 123 2.43 6.97 14.41
CA LYS A 123 1.83 8.08 13.62
C LYS A 123 0.34 7.83 13.44
N MET A 124 -0.06 6.61 13.03
CA MET A 124 -1.48 6.25 12.79
C MET A 124 -2.28 6.34 14.11
N LYS A 125 -1.67 5.90 15.21
N LYS A 125 -1.67 5.91 15.21
CA LYS A 125 -2.22 5.98 16.59
CA LYS A 125 -2.25 5.98 16.59
C LYS A 125 -2.45 7.45 16.97
C LYS A 125 -2.45 7.46 16.97
N GLU A 126 -1.45 8.31 16.71
CA GLU A 126 -1.50 9.76 17.03
C GLU A 126 -2.56 10.46 16.16
N ILE A 127 -2.70 10.06 14.89
CA ILE A 127 -3.73 10.58 13.95
C ILE A 127 -5.12 10.31 14.56
N ALA A 128 -5.34 9.10 15.08
CA ALA A 128 -6.62 8.69 15.70
C ALA A 128 -6.86 9.49 16.99
N GLU A 129 -5.81 9.69 17.79
CA GLU A 129 -5.87 10.39 19.10
C GLU A 129 -6.23 11.87 18.90
N ALA A 130 -5.70 12.50 17.84
CA ALA A 130 -5.99 13.90 17.47
C ALA A 130 -7.48 14.07 17.16
N TYR A 131 -8.09 13.05 16.53
CA TYR A 131 -9.53 13.03 16.15
C TYR A 131 -10.39 12.77 17.39
N LEU A 132 -10.07 11.75 18.17
CA LEU A 132 -10.86 11.26 19.34
C LEU A 132 -10.71 12.22 20.52
N GLY A 133 -9.51 12.79 20.70
CA GLY A 133 -9.20 13.76 21.78
C GLY A 133 -8.74 13.08 23.05
N TYR A 134 -8.38 11.80 22.99
CA TYR A 134 -7.88 11.00 24.14
C TYR A 134 -6.94 9.91 23.63
N PRO A 135 -6.06 9.35 24.49
CA PRO A 135 -5.15 8.27 24.08
C PRO A 135 -5.88 6.96 23.70
N VAL A 136 -5.39 6.30 22.65
CA VAL A 136 -5.88 4.98 22.16
C VAL A 136 -4.93 3.89 22.70
N THR A 137 -5.47 2.80 23.23
CA THR A 137 -4.70 1.68 23.87
C THR A 137 -4.96 0.35 23.17
N ASN A 138 -6.04 0.22 22.38
CA ASN A 138 -6.48 -1.04 21.74
C ASN A 138 -6.56 -0.86 20.23
N ALA A 139 -6.10 -1.85 19.46
CA ALA A 139 -6.09 -1.83 17.98
C ALA A 139 -6.21 -3.24 17.40
N VAL A 140 -6.89 -3.36 16.26
CA VAL A 140 -6.75 -4.50 15.30
C VAL A 140 -5.80 -4.02 14.19
N ILE A 141 -4.78 -4.80 13.87
CA ILE A 141 -3.84 -4.54 12.75
C ILE A 141 -4.00 -5.68 11.74
N THR A 142 -4.01 -5.34 10.44
CA THR A 142 -4.23 -6.31 9.33
C THR A 142 -2.88 -6.72 8.74
N VAL A 143 -2.82 -7.94 8.19
CA VAL A 143 -1.63 -8.50 7.47
C VAL A 143 -2.12 -9.25 6.25
N PRO A 144 -1.26 -9.47 5.22
CA PRO A 144 -1.61 -10.35 4.11
C PRO A 144 -1.94 -11.77 4.59
N ALA A 145 -2.85 -12.45 3.92
CA ALA A 145 -3.35 -13.81 4.27
C ALA A 145 -2.19 -14.81 4.29
N TYR A 146 -1.15 -14.59 3.47
CA TYR A 146 0.00 -15.51 3.28
C TYR A 146 1.11 -15.23 4.31
N PHE A 147 0.96 -14.22 5.16
CA PHE A 147 1.92 -13.92 6.26
C PHE A 147 2.00 -15.15 7.17
N ASN A 148 3.23 -15.54 7.52
CA ASN A 148 3.52 -16.72 8.40
C ASN A 148 3.51 -16.23 9.86
N ASP A 149 3.76 -17.15 10.81
CA ASP A 149 3.69 -16.89 12.27
C ASP A 149 4.70 -15.81 12.67
N SER A 150 5.90 -15.83 12.06
N SER A 150 5.89 -15.81 12.06
CA SER A 150 7.02 -14.89 12.30
CA SER A 150 7.00 -14.87 12.35
C SER A 150 6.60 -13.48 11.87
C SER A 150 6.65 -13.46 11.85
N GLN A 151 6.03 -13.35 10.67
CA GLN A 151 5.60 -12.05 10.08
C GLN A 151 4.43 -11.48 10.91
N ARG A 152 3.52 -12.33 11.37
CA ARG A 152 2.35 -11.93 12.21
C ARG A 152 2.84 -11.43 13.57
N GLN A 153 3.77 -12.17 14.21
CA GLN A 153 4.32 -11.80 15.54
C GLN A 153 5.07 -10.46 15.44
N ALA A 154 5.92 -10.31 14.42
CA ALA A 154 6.74 -9.09 14.18
C ALA A 154 5.82 -7.88 13.96
N THR A 155 4.70 -8.07 13.26
CA THR A 155 3.67 -7.02 13.03
C THR A 155 3.01 -6.66 14.37
N LYS A 156 2.61 -7.67 15.15
CA LYS A 156 2.00 -7.47 16.49
C LYS A 156 3.01 -6.74 17.40
N ASP A 157 4.28 -7.14 17.34
CA ASP A 157 5.38 -6.56 18.16
C ASP A 157 5.54 -5.07 17.80
N ALA A 158 5.44 -4.71 16.52
CA ALA A 158 5.44 -3.31 16.03
C ALA A 158 4.32 -2.53 16.74
N GLY A 159 3.13 -3.13 16.84
CA GLY A 159 1.97 -2.56 17.56
C GLY A 159 2.26 -2.33 19.03
N VAL A 160 2.86 -3.34 19.69
CA VAL A 160 3.19 -3.31 21.15
C VAL A 160 4.22 -2.21 21.40
N ILE A 161 5.24 -2.10 20.55
CA ILE A 161 6.31 -1.05 20.63
C ILE A 161 5.65 0.34 20.53
N ALA A 162 4.60 0.47 19.71
CA ALA A 162 3.86 1.73 19.48
C ALA A 162 2.89 2.02 20.65
N GLY A 163 2.81 1.13 21.64
CA GLY A 163 2.02 1.31 22.86
C GLY A 163 0.57 0.86 22.69
N LEU A 164 0.32 -0.03 21.74
CA LEU A 164 -1.04 -0.58 21.45
C LEU A 164 -1.15 -2.00 22.02
N ASN A 165 -2.26 -2.29 22.71
CA ASN A 165 -2.74 -3.67 22.95
C ASN A 165 -3.34 -4.17 21.63
N VAL A 166 -2.68 -5.11 20.97
CA VAL A 166 -3.14 -5.69 19.68
C VAL A 166 -4.23 -6.73 19.98
N LEU A 167 -5.50 -6.33 19.85
CA LEU A 167 -6.69 -7.18 20.12
C LEU A 167 -6.60 -8.44 19.26
N ARG A 168 -6.23 -8.28 17.99
CA ARG A 168 -6.09 -9.39 17.02
C ARG A 168 -5.31 -8.91 15.79
N ILE A 169 -4.50 -9.81 15.21
CA ILE A 169 -3.96 -9.70 13.82
C ILE A 169 -4.92 -10.46 12.91
N ILE A 170 -5.57 -9.77 11.96
CA ILE A 170 -6.55 -10.38 11.02
C ILE A 170 -6.06 -10.18 9.58
N ASN A 171 -6.51 -11.03 8.67
CA ASN A 171 -6.09 -11.04 7.24
C ASN A 171 -6.72 -9.84 6.53
N GLU A 172 -5.94 -9.17 5.68
CA GLU A 172 -6.36 -7.99 4.88
C GLU A 172 -7.61 -8.33 4.05
N PRO A 173 -7.63 -9.43 3.26
CA PRO A 173 -8.82 -9.77 2.48
C PRO A 173 -10.08 -9.98 3.34
N THR A 174 -9.93 -10.56 4.53
CA THR A 174 -11.03 -10.79 5.50
C THR A 174 -11.56 -9.43 5.98
N ALA A 175 -10.67 -8.49 6.30
CA ALA A 175 -11.01 -7.11 6.73
C ALA A 175 -11.82 -6.41 5.63
N ALA A 176 -11.40 -6.53 4.37
CA ALA A 176 -12.07 -5.94 3.19
C ALA A 176 -13.50 -6.49 3.09
N ALA A 177 -13.68 -7.80 3.27
CA ALA A 177 -14.99 -8.50 3.24
C ALA A 177 -15.87 -7.97 4.38
N ILE A 178 -15.30 -7.80 5.58
CA ILE A 178 -16.02 -7.29 6.79
C ILE A 178 -16.51 -5.86 6.53
N ALA A 179 -15.70 -5.03 5.85
CA ALA A 179 -16.05 -3.63 5.50
C ALA A 179 -17.36 -3.61 4.71
N TYR A 180 -17.58 -4.58 3.83
CA TYR A 180 -18.77 -4.69 2.95
C TYR A 180 -19.86 -5.54 3.62
N GLY A 181 -19.66 -5.95 4.88
CA GLY A 181 -20.64 -6.71 5.68
C GLY A 181 -20.90 -8.09 5.13
N LEU A 182 -19.91 -8.69 4.43
CA LEU A 182 -20.03 -10.01 3.77
C LEU A 182 -19.81 -11.14 4.79
N ASP A 183 -19.49 -10.81 6.04
CA ASP A 183 -19.26 -11.78 7.14
C ASP A 183 -20.59 -12.25 7.74
N ARG A 184 -21.71 -11.60 7.43
CA ARG A 184 -23.01 -11.81 8.13
C ARG A 184 -23.93 -12.76 7.35
N THR A 185 -23.50 -13.25 6.17
CA THR A 185 -24.27 -14.17 5.29
C THR A 185 -25.10 -15.14 6.14
N GLU A 189 -22.72 -21.39 1.89
CA GLU A 189 -21.36 -20.89 1.52
C GLU A 189 -21.50 -19.73 0.52
N ARG A 190 -20.78 -18.62 0.78
CA ARG A 190 -20.61 -17.48 -0.16
C ARG A 190 -19.13 -17.39 -0.54
N ASN A 191 -18.84 -17.40 -1.85
CA ASN A 191 -17.47 -17.26 -2.41
C ASN A 191 -17.21 -15.79 -2.75
N VAL A 192 -16.21 -15.17 -2.11
CA VAL A 192 -15.85 -13.75 -2.29
C VAL A 192 -14.42 -13.68 -2.87
N LEU A 193 -14.24 -12.99 -3.99
CA LEU A 193 -12.91 -12.70 -4.55
C LEU A 193 -12.51 -11.27 -4.20
N ILE A 194 -11.37 -11.12 -3.52
N ILE A 194 -11.38 -11.10 -3.51
CA ILE A 194 -10.75 -9.81 -3.16
CA ILE A 194 -10.77 -9.79 -3.17
C ILE A 194 -9.66 -9.52 -4.20
C ILE A 194 -9.65 -9.50 -4.18
N PHE A 195 -9.80 -8.42 -4.95
CA PHE A 195 -8.82 -7.94 -5.95
C PHE A 195 -8.12 -6.71 -5.34
N ASP A 196 -6.90 -6.89 -4.84
CA ASP A 196 -6.19 -5.90 -3.99
C ASP A 196 -4.90 -5.46 -4.68
N LEU A 197 -4.94 -4.31 -5.36
CA LEU A 197 -3.80 -3.73 -6.11
C LEU A 197 -3.39 -2.42 -5.44
N GLY A 198 -2.27 -2.44 -4.70
CA GLY A 198 -1.73 -1.27 -3.97
C GLY A 198 -0.65 -0.56 -4.75
N GLY A 199 0.32 0.01 -4.04
CA GLY A 199 1.44 0.77 -4.62
C GLY A 199 2.59 -0.12 -5.05
N GLY A 200 2.78 -1.26 -4.37
CA GLY A 200 3.93 -2.15 -4.59
C GLY A 200 3.59 -3.61 -4.81
N THR A 201 2.38 -4.04 -4.42
N THR A 201 2.38 -4.05 -4.42
CA THR A 201 1.96 -5.47 -4.36
CA THR A 201 1.98 -5.48 -4.37
C THR A 201 0.57 -5.65 -4.98
C THR A 201 0.57 -5.67 -4.94
N PHE A 202 0.32 -6.83 -5.55
CA PHE A 202 -1.00 -7.24 -6.10
C PHE A 202 -1.39 -8.57 -5.43
N ASP A 203 -2.48 -8.57 -4.67
CA ASP A 203 -2.99 -9.76 -3.94
C ASP A 203 -4.40 -10.09 -4.42
N VAL A 204 -4.58 -11.31 -4.94
CA VAL A 204 -5.92 -11.91 -5.21
C VAL A 204 -6.17 -12.97 -4.14
N SER A 205 -7.31 -12.90 -3.46
CA SER A 205 -7.75 -13.85 -2.41
C SER A 205 -9.17 -14.33 -2.73
N ILE A 206 -9.42 -15.63 -2.64
CA ILE A 206 -10.79 -16.21 -2.67
C ILE A 206 -11.10 -16.74 -1.25
N LEU A 207 -12.10 -16.14 -0.61
CA LEU A 207 -12.61 -16.55 0.72
C LEU A 207 -13.96 -17.24 0.52
N THR A 208 -14.20 -18.32 1.27
CA THR A 208 -15.55 -18.93 1.45
C THR A 208 -16.04 -18.54 2.85
N ILE A 209 -17.21 -17.89 2.93
CA ILE A 209 -17.84 -17.40 4.19
C ILE A 209 -19.07 -18.27 4.45
N ASP A 210 -19.10 -18.96 5.59
CA ASP A 210 -20.19 -19.90 5.99
C ASP A 210 -20.54 -19.66 7.45
N ASP A 211 -21.63 -18.92 7.70
CA ASP A 211 -22.17 -18.61 9.05
C ASP A 211 -21.13 -17.79 9.84
N GLY A 212 -20.49 -16.82 9.19
CA GLY A 212 -19.55 -15.86 9.82
C GLY A 212 -18.13 -16.40 9.92
N ILE A 213 -17.88 -17.62 9.44
CA ILE A 213 -16.54 -18.28 9.48
C ILE A 213 -15.88 -18.13 8.10
N PHE A 214 -14.65 -17.61 8.07
CA PHE A 214 -13.84 -17.36 6.84
C PHE A 214 -12.87 -18.52 6.62
N GLU A 215 -12.84 -19.05 5.40
CA GLU A 215 -11.81 -20.01 4.91
C GLU A 215 -11.12 -19.39 3.69
N VAL A 216 -9.80 -19.23 3.76
CA VAL A 216 -8.95 -18.75 2.62
C VAL A 216 -8.76 -19.94 1.67
N LYS A 217 -9.54 -19.97 0.58
CA LYS A 217 -9.57 -21.09 -0.41
C LYS A 217 -8.37 -20.99 -1.36
N ALA A 218 -7.95 -19.78 -1.71
CA ALA A 218 -6.85 -19.51 -2.67
C ALA A 218 -6.27 -18.12 -2.44
N THR A 219 -4.95 -17.99 -2.56
CA THR A 219 -4.21 -16.70 -2.66
C THR A 219 -3.31 -16.76 -3.90
N ALA A 220 -3.29 -15.68 -4.68
CA ALA A 220 -2.46 -15.51 -5.89
C ALA A 220 -2.08 -14.04 -6.03
N GLY A 221 -1.24 -13.71 -7.01
CA GLY A 221 -0.86 -12.32 -7.33
C GLY A 221 0.61 -12.19 -7.63
N ASP A 222 1.15 -10.98 -7.42
CA ASP A 222 2.56 -10.63 -7.67
C ASP A 222 3.00 -9.64 -6.58
N THR A 223 3.96 -10.05 -5.74
CA THR A 223 4.46 -9.27 -4.58
C THR A 223 5.20 -8.02 -5.05
N HIS A 224 5.49 -7.90 -6.35
CA HIS A 224 6.28 -6.77 -6.93
C HIS A 224 5.54 -6.09 -8.08
N LEU A 225 4.23 -6.31 -8.21
CA LEU A 225 3.37 -5.52 -9.15
C LEU A 225 2.48 -4.57 -8.34
N GLY A 226 2.58 -3.27 -8.60
CA GLY A 226 1.74 -2.25 -7.94
C GLY A 226 1.71 -0.94 -8.72
N GLY A 227 1.08 0.09 -8.17
CA GLY A 227 0.92 1.41 -8.79
C GLY A 227 2.26 2.04 -9.18
N GLU A 228 3.31 1.76 -8.41
CA GLU A 228 4.68 2.33 -8.65
C GLU A 228 5.22 1.84 -9.99
N ASP A 229 4.80 0.65 -10.46
CA ASP A 229 5.20 0.11 -11.79
C ASP A 229 4.56 0.97 -12.90
N PHE A 230 3.33 1.45 -12.69
CA PHE A 230 2.60 2.32 -13.65
C PHE A 230 3.28 3.70 -13.68
N ASP A 231 3.67 4.20 -12.51
CA ASP A 231 4.46 5.46 -12.36
C ASP A 231 5.73 5.34 -13.19
N ASN A 232 6.42 4.19 -13.10
CA ASN A 232 7.72 3.92 -13.77
C ASN A 232 7.55 4.00 -15.29
N ARG A 233 6.45 3.44 -15.83
CA ARG A 233 6.15 3.46 -17.28
C ARG A 233 6.01 4.92 -17.74
N LEU A 234 5.36 5.76 -16.94
CA LEU A 234 5.21 7.22 -17.20
C LEU A 234 6.57 7.91 -17.12
N VAL A 235 7.39 7.59 -16.11
CA VAL A 235 8.75 8.17 -15.92
C VAL A 235 9.56 7.95 -17.20
N ASN A 236 9.63 6.70 -17.66
CA ASN A 236 10.43 6.29 -18.86
C ASN A 236 9.91 7.04 -20.09
N HIS A 237 8.58 7.14 -20.23
CA HIS A 237 7.89 7.88 -21.33
C HIS A 237 8.38 9.33 -21.36
N PHE A 238 8.43 10.00 -20.21
CA PHE A 238 8.71 11.45 -20.09
C PHE A 238 10.22 11.71 -20.14
N VAL A 239 11.05 10.76 -19.69
CA VAL A 239 12.54 10.82 -19.85
C VAL A 239 12.85 10.87 -21.35
N GLU A 240 12.18 10.03 -22.15
CA GLU A 240 12.36 9.98 -23.62
C GLU A 240 11.83 11.28 -24.26
N GLU A 241 10.72 11.81 -23.75
CA GLU A 241 10.10 13.07 -24.25
C GLU A 241 11.06 14.25 -23.98
N PHE A 242 11.67 14.29 -22.80
CA PHE A 242 12.64 15.34 -22.40
C PHE A 242 13.89 15.27 -23.28
N LYS A 243 14.36 14.06 -23.58
CA LYS A 243 15.49 13.80 -24.51
C LYS A 243 15.18 14.42 -25.88
N ARG A 244 13.99 14.16 -26.42
CA ARG A 244 13.56 14.60 -27.77
C ARG A 244 13.52 16.13 -27.84
N LYS A 245 12.97 16.79 -26.81
CA LYS A 245 12.65 18.24 -26.82
C LYS A 245 13.92 19.06 -26.48
N HIS A 246 14.75 18.58 -25.55
CA HIS A 246 15.89 19.36 -24.98
C HIS A 246 17.26 18.69 -25.27
N LYS A 247 17.28 17.53 -25.93
CA LYS A 247 18.52 16.78 -26.30
C LYS A 247 19.38 16.57 -25.05
N LYS A 248 18.74 16.28 -23.91
CA LYS A 248 19.40 16.06 -22.60
C LYS A 248 18.79 14.81 -21.93
N ASP A 249 19.66 13.91 -21.45
CA ASP A 249 19.27 12.69 -20.68
C ASP A 249 19.30 13.03 -19.19
N ILE A 250 18.15 12.97 -18.53
CA ILE A 250 17.99 13.32 -17.08
C ILE A 250 18.08 12.04 -16.22
N SER A 251 18.24 10.87 -16.86
CA SER A 251 18.05 9.53 -16.24
C SER A 251 19.08 9.25 -15.14
N GLN A 252 20.27 9.85 -15.20
CA GLN A 252 21.38 9.61 -14.23
C GLN A 252 21.38 10.68 -13.13
N ASN A 253 20.46 11.65 -13.19
CA ASN A 253 20.23 12.65 -12.11
C ASN A 253 19.11 12.12 -11.20
N LYS A 254 19.50 11.53 -10.05
CA LYS A 254 18.59 10.81 -9.13
C LYS A 254 17.46 11.74 -8.66
N ARG A 255 17.78 12.99 -8.31
CA ARG A 255 16.79 13.99 -7.82
C ARG A 255 15.76 14.26 -8.92
N ALA A 256 16.20 14.57 -10.13
CA ALA A 256 15.35 14.89 -11.30
C ALA A 256 14.37 13.74 -11.57
N VAL A 257 14.87 12.50 -11.54
CA VAL A 257 14.07 11.25 -11.80
C VAL A 257 13.01 11.10 -10.70
N ARG A 258 13.38 11.31 -9.43
CA ARG A 258 12.45 11.15 -8.28
C ARG A 258 11.37 12.23 -8.34
N ARG A 259 11.72 13.45 -8.72
CA ARG A 259 10.78 14.60 -8.85
C ARG A 259 9.82 14.35 -10.02
N LEU A 260 10.32 13.79 -11.13
CA LEU A 260 9.48 13.39 -12.30
C LEU A 260 8.52 12.27 -11.88
N ARG A 261 9.02 11.30 -11.10
CA ARG A 261 8.24 10.14 -10.60
C ARG A 261 7.07 10.63 -9.73
N THR A 262 7.31 11.60 -8.84
CA THR A 262 6.29 12.22 -7.97
C THR A 262 5.20 12.87 -8.84
N ALA A 263 5.61 13.62 -9.86
CA ALA A 263 4.72 14.33 -10.81
C ALA A 263 3.89 13.30 -11.61
N CYS A 264 4.51 12.18 -12.02
CA CYS A 264 3.86 11.10 -12.79
C CYS A 264 2.76 10.43 -11.95
N GLU A 265 3.05 10.16 -10.67
CA GLU A 265 2.11 9.52 -9.71
C GLU A 265 0.88 10.43 -9.56
N ARG A 266 1.09 11.74 -9.43
CA ARG A 266 0.00 12.76 -9.28
C ARG A 266 -0.83 12.81 -10.56
N ALA A 267 -0.18 12.82 -11.73
CA ALA A 267 -0.82 12.85 -13.07
C ALA A 267 -1.66 11.58 -13.25
N LYS A 268 -1.11 10.42 -12.88
CA LYS A 268 -1.79 9.09 -12.93
C LYS A 268 -3.12 9.17 -12.16
N ARG A 269 -3.11 9.74 -10.95
CA ARG A 269 -4.31 9.85 -10.09
C ARG A 269 -5.39 10.67 -10.80
N THR A 270 -5.00 11.78 -11.44
CA THR A 270 -5.90 12.67 -12.21
C THR A 270 -6.55 11.89 -13.35
N LEU A 271 -5.80 10.99 -14.00
CA LEU A 271 -6.27 10.21 -15.18
C LEU A 271 -7.32 9.16 -14.78
N SER A 272 -7.55 8.95 -13.48
CA SER A 272 -8.62 8.03 -12.99
C SER A 272 -9.98 8.72 -13.04
N SER A 273 -10.02 10.07 -13.07
CA SER A 273 -11.27 10.88 -13.09
C SER A 273 -11.34 11.79 -14.33
N SER A 274 -10.20 12.07 -14.99
CA SER A 274 -10.10 12.90 -16.21
C SER A 274 -9.44 12.10 -17.34
N THR A 275 -9.64 12.50 -18.59
CA THR A 275 -9.11 11.81 -19.80
C THR A 275 -7.76 12.41 -20.20
N GLN A 276 -7.30 13.45 -19.49
CA GLN A 276 -5.93 14.04 -19.66
C GLN A 276 -5.49 14.69 -18.35
N ALA A 277 -4.18 14.84 -18.17
CA ALA A 277 -3.54 15.48 -17.00
C ALA A 277 -2.32 16.30 -17.46
N SER A 278 -2.14 17.48 -16.88
N SER A 278 -2.14 17.48 -16.88
CA SER A 278 -0.97 18.37 -17.12
CA SER A 278 -0.97 18.37 -17.11
C SER A 278 0.16 17.98 -16.16
C SER A 278 0.16 17.98 -16.15
N LEU A 279 1.39 17.90 -16.67
CA LEU A 279 2.62 17.60 -15.88
C LEU A 279 3.58 18.78 -16.01
N GLU A 280 3.62 19.63 -14.98
CA GLU A 280 4.37 20.93 -14.97
C GLU A 280 5.36 20.93 -13.80
N ILE A 281 6.65 20.68 -14.11
CA ILE A 281 7.76 20.63 -13.12
C ILE A 281 8.70 21.82 -13.39
N ASP A 282 8.91 22.68 -12.39
CA ASP A 282 9.85 23.82 -12.44
C ASP A 282 11.27 23.30 -12.17
N SER A 283 12.23 23.69 -13.01
CA SER A 283 13.68 23.40 -12.85
C SER A 283 13.91 21.90 -12.69
N LEU A 284 13.39 21.08 -13.61
CA LEU A 284 13.52 19.59 -13.56
C LEU A 284 15.00 19.21 -13.71
N PHE A 285 15.70 19.82 -14.67
CA PHE A 285 17.10 19.47 -15.03
C PHE A 285 17.81 20.69 -15.64
N GLU A 286 18.93 21.10 -15.03
CA GLU A 286 19.79 22.24 -15.47
C GLU A 286 18.92 23.48 -15.70
N GLY A 287 17.95 23.71 -14.81
CA GLY A 287 17.08 24.91 -14.78
C GLY A 287 16.00 24.89 -15.86
N ILE A 288 15.86 23.78 -16.61
CA ILE A 288 14.83 23.62 -17.67
C ILE A 288 13.52 23.16 -17.01
N ASP A 289 12.46 23.96 -17.15
CA ASP A 289 11.09 23.60 -16.72
C ASP A 289 10.53 22.57 -17.70
N PHE A 290 9.79 21.58 -17.20
CA PHE A 290 9.14 20.52 -18.02
C PHE A 290 7.62 20.63 -17.86
N TYR A 291 7.00 21.37 -18.78
CA TYR A 291 5.53 21.60 -18.87
C TYR A 291 5.00 20.80 -20.08
N THR A 292 4.24 19.73 -19.80
CA THR A 292 3.70 18.81 -20.82
C THR A 292 2.35 18.27 -20.34
N SER A 293 1.83 17.24 -21.02
CA SER A 293 0.54 16.58 -20.68
C SER A 293 0.59 15.10 -21.05
N ILE A 294 -0.37 14.33 -20.54
CA ILE A 294 -0.56 12.87 -20.78
C ILE A 294 -2.07 12.62 -20.88
N THR A 295 -2.50 11.88 -21.91
CA THR A 295 -3.91 11.42 -22.08
C THR A 295 -4.07 10.09 -21.34
N ARG A 296 -5.30 9.78 -20.91
CA ARG A 296 -5.63 8.47 -20.28
C ARG A 296 -5.30 7.35 -21.27
N ALA A 297 -5.63 7.53 -22.54
CA ALA A 297 -5.42 6.55 -23.63
C ALA A 297 -3.93 6.20 -23.73
N ARG A 298 -3.05 7.20 -23.74
CA ARG A 298 -1.57 7.00 -23.83
C ARG A 298 -1.08 6.27 -22.57
N PHE A 299 -1.56 6.68 -21.39
CA PHE A 299 -1.24 6.03 -20.08
C PHE A 299 -1.62 4.55 -20.14
N GLU A 300 -2.83 4.26 -20.63
CA GLU A 300 -3.36 2.88 -20.78
C GLU A 300 -2.47 2.08 -21.74
N GLU A 301 -2.05 2.69 -22.86
CA GLU A 301 -1.14 2.09 -23.87
C GLU A 301 0.19 1.72 -23.19
N LEU A 302 0.75 2.65 -22.40
CA LEU A 302 2.08 2.49 -21.76
C LEU A 302 2.06 1.34 -20.73
N CYS A 303 0.90 1.03 -20.14
CA CYS A 303 0.74 0.06 -19.03
C CYS A 303 -0.13 -1.14 -19.45
N SER A 304 -0.51 -1.25 -20.73
CA SER A 304 -1.50 -2.23 -21.24
C SER A 304 -1.15 -3.66 -20.77
N ASP A 305 0.12 -4.05 -20.91
CA ASP A 305 0.61 -5.41 -20.54
C ASP A 305 0.49 -5.62 -19.03
N LEU A 306 0.85 -4.61 -18.23
CA LEU A 306 0.82 -4.69 -16.74
C LEU A 306 -0.63 -4.83 -16.27
N PHE A 307 -1.55 -4.04 -16.84
CA PHE A 307 -3.00 -4.08 -16.48
C PHE A 307 -3.56 -5.47 -16.81
N ARG A 308 -3.29 -5.98 -18.02
CA ARG A 308 -3.78 -7.31 -18.49
C ARG A 308 -3.25 -8.41 -17.57
N SER A 309 -2.01 -8.27 -17.06
CA SER A 309 -1.30 -9.29 -16.24
C SER A 309 -2.04 -9.54 -14.92
N THR A 310 -2.89 -8.61 -14.48
CA THR A 310 -3.63 -8.72 -13.19
C THR A 310 -4.70 -9.82 -13.28
N LEU A 311 -5.13 -10.21 -14.49
CA LEU A 311 -6.17 -11.25 -14.68
C LEU A 311 -5.57 -12.66 -14.54
N GLU A 312 -4.26 -12.81 -14.68
CA GLU A 312 -3.57 -14.13 -14.63
C GLU A 312 -3.68 -14.70 -13.21
N PRO A 313 -3.32 -13.95 -12.14
CA PRO A 313 -3.58 -14.40 -10.78
C PRO A 313 -5.06 -14.68 -10.44
N VAL A 314 -5.99 -13.94 -11.05
CA VAL A 314 -7.46 -14.16 -10.88
C VAL A 314 -7.79 -15.56 -11.42
N GLU A 315 -7.30 -15.89 -12.62
CA GLU A 315 -7.49 -17.21 -13.28
C GLU A 315 -6.88 -18.32 -12.40
N LYS A 316 -5.67 -18.10 -11.88
N LYS A 316 -5.67 -18.10 -11.89
CA LYS A 316 -4.94 -19.09 -11.04
CA LYS A 316 -4.92 -19.07 -11.04
C LYS A 316 -5.71 -19.33 -9.74
C LYS A 316 -5.68 -19.32 -9.73
N ALA A 317 -6.17 -18.25 -9.09
CA ALA A 317 -6.92 -18.30 -7.81
C ALA A 317 -8.20 -19.15 -7.99
N LEU A 318 -8.95 -18.91 -9.06
CA LEU A 318 -10.20 -19.66 -9.40
C LEU A 318 -9.87 -21.14 -9.59
N ARG A 319 -8.78 -21.44 -10.32
CA ARG A 319 -8.32 -22.82 -10.63
C ARG A 319 -7.94 -23.54 -9.32
N ASP A 320 -7.19 -22.85 -8.44
CA ASP A 320 -6.70 -23.40 -7.15
C ASP A 320 -7.88 -23.58 -6.17
N ALA A 321 -8.87 -22.70 -6.22
CA ALA A 321 -10.11 -22.75 -5.39
C ALA A 321 -11.09 -23.77 -5.97
N LYS A 322 -10.83 -24.25 -7.20
CA LYS A 322 -11.70 -25.19 -7.95
C LYS A 322 -13.09 -24.58 -8.09
N LEU A 323 -13.14 -23.31 -8.49
CA LEU A 323 -14.39 -22.53 -8.72
C LEU A 323 -14.37 -21.94 -10.14
N ASP A 324 -15.54 -21.87 -10.77
CA ASP A 324 -15.77 -21.15 -12.05
C ASP A 324 -16.13 -19.69 -11.73
N LYS A 325 -16.04 -18.80 -12.71
CA LYS A 325 -16.37 -17.34 -12.59
C LYS A 325 -17.74 -17.18 -11.93
N ALA A 326 -18.75 -17.92 -12.43
CA ALA A 326 -20.18 -17.81 -12.04
C ALA A 326 -20.38 -18.21 -10.57
N GLN A 327 -19.42 -18.94 -9.99
CA GLN A 327 -19.50 -19.47 -8.59
C GLN A 327 -19.01 -18.41 -7.59
N ILE A 328 -18.38 -17.33 -8.05
CA ILE A 328 -18.01 -16.16 -7.20
C ILE A 328 -19.28 -15.32 -6.98
N HIS A 329 -19.65 -15.09 -5.72
CA HIS A 329 -20.89 -14.36 -5.32
C HIS A 329 -20.63 -12.85 -5.29
N ASP A 330 -19.44 -12.43 -4.85
CA ASP A 330 -19.08 -10.99 -4.66
C ASP A 330 -17.65 -10.73 -5.11
N LEU A 331 -17.44 -9.64 -5.86
CA LEU A 331 -16.12 -9.12 -6.27
C LEU A 331 -15.85 -7.83 -5.47
N VAL A 332 -14.74 -7.80 -4.73
CA VAL A 332 -14.37 -6.65 -3.83
C VAL A 332 -13.10 -5.99 -4.39
N LEU A 333 -13.22 -4.73 -4.81
CA LEU A 333 -12.11 -3.88 -5.33
C LEU A 333 -11.47 -3.15 -4.16
N VAL A 334 -10.20 -3.42 -3.85
CA VAL A 334 -9.45 -2.69 -2.80
C VAL A 334 -8.01 -2.44 -3.26
N GLY A 335 -7.28 -1.59 -2.54
CA GLY A 335 -5.97 -1.04 -2.96
C GLY A 335 -6.17 0.19 -3.82
N GLY A 336 -5.33 1.22 -3.62
CA GLY A 336 -5.47 2.53 -4.25
C GLY A 336 -5.47 2.47 -5.77
N SER A 337 -4.77 1.50 -6.36
CA SER A 337 -4.57 1.37 -7.83
C SER A 337 -5.84 0.90 -8.55
N THR A 338 -6.82 0.34 -7.82
CA THR A 338 -8.08 -0.17 -8.43
C THR A 338 -9.00 0.99 -8.81
N ARG A 339 -8.62 2.24 -8.53
CA ARG A 339 -9.32 3.46 -9.01
C ARG A 339 -9.13 3.62 -10.52
N ILE A 340 -8.10 2.99 -11.10
CA ILE A 340 -7.77 3.08 -12.56
C ILE A 340 -8.93 2.46 -13.34
N PRO A 341 -9.69 3.27 -14.14
CA PRO A 341 -10.83 2.74 -14.91
C PRO A 341 -10.53 1.49 -15.74
N LYS A 342 -9.36 1.44 -16.40
CA LYS A 342 -8.97 0.30 -17.28
C LYS A 342 -8.86 -0.99 -16.46
N VAL A 343 -8.35 -0.90 -15.23
CA VAL A 343 -8.21 -2.06 -14.31
C VAL A 343 -9.60 -2.56 -13.92
N GLN A 344 -10.53 -1.66 -13.61
CA GLN A 344 -11.94 -1.99 -13.27
C GLN A 344 -12.58 -2.70 -14.48
N LYS A 345 -12.37 -2.17 -15.68
CA LYS A 345 -12.94 -2.71 -16.95
C LYS A 345 -12.46 -4.16 -17.15
N LEU A 346 -11.16 -4.40 -17.03
CA LEU A 346 -10.54 -5.74 -17.26
C LEU A 346 -11.17 -6.77 -16.32
N LEU A 347 -11.28 -6.45 -15.02
CA LEU A 347 -11.83 -7.38 -14.01
C LEU A 347 -13.32 -7.62 -14.29
N GLN A 348 -14.08 -6.55 -14.53
CA GLN A 348 -15.54 -6.63 -14.78
C GLN A 348 -15.81 -7.43 -16.07
N ASP A 349 -15.06 -7.13 -17.13
CA ASP A 349 -15.17 -7.84 -18.44
C ASP A 349 -14.83 -9.31 -18.24
N PHE A 350 -13.77 -9.62 -17.49
CA PHE A 350 -13.35 -11.01 -17.17
C PHE A 350 -14.49 -11.74 -16.47
N PHE A 351 -15.25 -11.05 -15.59
CA PHE A 351 -16.40 -11.62 -14.84
C PHE A 351 -17.72 -11.31 -15.56
N ASN A 352 -17.65 -11.05 -16.87
CA ASN A 352 -18.83 -11.01 -17.79
C ASN A 352 -19.88 -10.02 -17.27
N GLY A 353 -19.43 -8.84 -16.82
CA GLY A 353 -20.29 -7.68 -16.52
C GLY A 353 -20.75 -7.62 -15.07
N ARG A 354 -20.23 -8.49 -14.20
CA ARG A 354 -20.61 -8.53 -12.76
C ARG A 354 -20.28 -7.19 -12.10
N ASP A 355 -21.12 -6.76 -11.16
CA ASP A 355 -20.88 -5.57 -10.30
C ASP A 355 -19.54 -5.73 -9.58
N LEU A 356 -18.82 -4.64 -9.40
CA LEU A 356 -17.65 -4.54 -8.48
C LEU A 356 -18.12 -3.83 -7.20
N ASN A 357 -17.85 -4.43 -6.03
CA ASN A 357 -18.01 -3.76 -4.71
C ASN A 357 -16.88 -2.73 -4.59
N LYS A 358 -17.17 -1.45 -4.87
CA LYS A 358 -16.16 -0.37 -4.93
C LYS A 358 -16.69 0.94 -4.33
N SER A 359 -17.79 0.90 -3.55
CA SER A 359 -18.42 2.10 -2.95
C SER A 359 -17.56 2.63 -1.80
N ILE A 360 -16.78 1.76 -1.14
CA ILE A 360 -15.80 2.16 -0.10
C ILE A 360 -14.48 2.50 -0.79
N ASN A 361 -13.91 3.69 -0.53
CA ASN A 361 -12.57 4.08 -1.04
CA ASN A 361 -12.57 4.08 -1.04
C ASN A 361 -11.68 2.84 -0.96
N PRO A 362 -11.14 2.34 -2.11
CA PRO A 362 -10.43 1.06 -2.10
C PRO A 362 -9.18 1.03 -1.21
N ASP A 363 -8.54 2.18 -0.99
CA ASP A 363 -7.34 2.31 -0.12
C ASP A 363 -7.75 2.48 1.35
N GLU A 364 -9.06 2.41 1.66
CA GLU A 364 -9.59 2.57 3.04
C GLU A 364 -10.33 1.31 3.51
N ALA A 365 -10.72 0.41 2.59
CA ALA A 365 -11.61 -0.74 2.87
C ALA A 365 -11.01 -1.65 3.95
N VAL A 366 -9.71 -1.89 3.91
CA VAL A 366 -9.01 -2.82 4.86
C VAL A 366 -9.06 -2.21 6.27
N ALA A 367 -8.73 -0.92 6.42
CA ALA A 367 -8.79 -0.19 7.70
C ALA A 367 -10.24 -0.14 8.20
N TYR A 368 -11.19 0.07 7.27
CA TYR A 368 -12.65 0.11 7.51
C TYR A 368 -13.08 -1.18 8.24
N GLY A 369 -12.74 -2.33 7.65
CA GLY A 369 -13.06 -3.66 8.22
C GLY A 369 -12.35 -3.91 9.53
N ALA A 370 -11.09 -3.49 9.65
CA ALA A 370 -10.27 -3.61 10.88
C ALA A 370 -10.94 -2.83 12.02
N ALA A 371 -11.47 -1.64 11.71
CA ALA A 371 -12.16 -0.74 12.68
C ALA A 371 -13.45 -1.41 13.17
N VAL A 372 -14.22 -2.02 12.25
CA VAL A 372 -15.47 -2.78 12.57
C VAL A 372 -15.11 -3.93 13.53
N GLN A 373 -14.09 -4.72 13.19
CA GLN A 373 -13.68 -5.92 13.96
C GLN A 373 -13.13 -5.50 15.33
N ALA A 374 -12.42 -4.38 15.40
CA ALA A 374 -11.85 -3.82 16.66
C ALA A 374 -12.99 -3.54 17.65
N ALA A 375 -14.08 -2.92 17.18
CA ALA A 375 -15.25 -2.55 18.00
C ALA A 375 -15.98 -3.81 18.47
N ILE A 376 -16.10 -4.83 17.62
CA ILE A 376 -16.73 -6.14 17.96
C ILE A 376 -15.94 -6.80 19.10
N LEU A 377 -14.61 -6.83 18.99
CA LEU A 377 -13.70 -7.49 19.98
C LEU A 377 -13.74 -6.73 21.31
N MET A 378 -13.95 -5.41 21.28
CA MET A 378 -14.15 -4.56 22.49
C MET A 378 -15.55 -4.81 23.05
PB ADP B . -0.32 0.11 -0.33
O1B ADP B . -1.24 -1.09 -0.42
O2B ADP B . 0.27 0.29 1.04
O3B ADP B . 0.74 0.10 -1.41
PA ADP B . -2.65 1.81 -1.13
O1A ADP B . -3.57 0.64 -0.98
O2A ADP B . -3.06 3.10 -0.49
O3A ADP B . -1.19 1.43 -0.59
O5' ADP B . -2.36 2.05 -2.68
C5' ADP B . -1.36 3.02 -3.07
C4' ADP B . -1.34 3.12 -4.57
O4' ADP B . -2.63 3.61 -5.04
C3' ADP B . -0.29 4.08 -5.17
O3' ADP B . 0.39 3.46 -6.25
C2' ADP B . -1.13 5.26 -5.65
O2' ADP B . -0.56 5.97 -6.71
C1' ADP B . -2.40 4.53 -6.07
N9 ADP B . -3.55 5.39 -6.25
C8 ADP B . -4.22 6.12 -5.29
N7 ADP B . -5.20 6.83 -5.77
C5 ADP B . -5.19 6.57 -7.13
C6 ADP B . -6.00 7.03 -8.20
N6 ADP B . -6.99 7.89 -8.04
N1 ADP B . -5.71 6.57 -9.44
C2 ADP B . -4.69 5.71 -9.58
N3 ADP B . -3.87 5.21 -8.66
C4 ADP B . -4.18 5.68 -7.44
CA CA C . -3.42 -1.21 0.39
CA CA D . 7.34 -3.36 -9.06
#